data_1IL9
#
_entry.id   1IL9
#
_cell.length_a   43.040
_cell.length_b   67.840
_cell.length_c   49.680
_cell.angle_alpha   90.00
_cell.angle_beta   113.26
_cell.angle_gamma   90.00
#
_symmetry.space_group_name_H-M   'P 1 21 1'
#
loop_
_entity.id
_entity.type
_entity.pdbx_description
1 polymer 'RICIN A CHAIN'
2 non-polymer 5-AMINO-2-METHYL-6H-OXAZOLO[5,4-D]PYRIMIDIN-7-ONE
3 water water
#
_entity_poly.entity_id   1
_entity_poly.type   'polypeptide(L)'
_entity_poly.pdbx_seq_one_letter_code
;IFPKQYPIINFTTAGATVQSYTNFIRAVRGRLTTGADVRHEIPVLPNRVGLPINQRFILVELSNHAELSVTLALDVTNAY
VVGYRAGNSAYFFHPDNQEDAEAITHLFTDVQNRYTFAFGGNYDRLEQLAGNLRENIELGNGPLEEAISALYYYSTGGTQ
LPTLARSFIICIQMISEAARFQYIEGEMRTRIRYNRRSAPDPSVITLENSWGRLSTAIQESNQGAFASPIQLQRRNGSKF
SVYDVSILIPIIALMVYRCAPPPSSQF
;
_entity_poly.pdbx_strand_id   A
#
loop_
_chem_comp.id
_chem_comp.type
_chem_comp.name
_chem_comp.formula
MOG non-polymer 5-AMINO-2-METHYL-6H-OXAZOLO[5,4-D]PYRIMIDIN-7-ONE 'C6 H6 N4 O2'
#
# COMPACT_ATOMS: atom_id res chain seq x y z
N ILE A 1 -12.24 -18.42 18.84
CA ILE A 1 -11.18 -18.01 17.88
C ILE A 1 -10.79 -16.57 18.22
N PHE A 2 -9.90 -15.99 17.41
CA PHE A 2 -9.45 -14.62 17.63
C PHE A 2 -10.68 -13.71 17.63
N PRO A 3 -10.72 -12.71 18.54
CA PRO A 3 -11.85 -11.78 18.61
C PRO A 3 -12.09 -11.03 17.30
N LYS A 4 -12.79 -11.70 16.39
CA LYS A 4 -13.11 -11.17 15.06
C LYS A 4 -11.89 -11.07 14.16
N GLN A 5 -12.01 -11.63 12.97
CA GLN A 5 -10.92 -11.61 12.00
C GLN A 5 -11.12 -10.41 11.09
N TYR A 6 -10.02 -9.78 10.71
CA TYR A 6 -10.07 -8.62 9.82
C TYR A 6 -10.45 -9.13 8.42
N PRO A 7 -11.19 -8.32 7.64
CA PRO A 7 -11.61 -8.70 6.29
C PRO A 7 -10.44 -9.01 5.35
N ILE A 8 -10.59 -10.08 4.58
CA ILE A 8 -9.57 -10.51 3.63
C ILE A 8 -10.08 -10.40 2.20
N ILE A 9 -9.21 -9.95 1.29
CA ILE A 9 -9.54 -9.82 -0.12
C ILE A 9 -8.58 -10.70 -0.91
N ASN A 10 -9.12 -11.49 -1.82
CA ASN A 10 -8.31 -12.41 -2.61
C ASN A 10 -7.90 -11.86 -3.98
N PHE A 11 -6.72 -12.25 -4.43
CA PHE A 11 -6.18 -11.85 -5.73
C PHE A 11 -5.18 -12.91 -6.16
N THR A 12 -5.26 -13.33 -7.42
CA THR A 12 -4.37 -14.36 -7.93
C THR A 12 -3.63 -13.93 -9.20
N THR A 13 -2.36 -14.29 -9.28
CA THR A 13 -1.54 -13.97 -10.44
C THR A 13 -1.73 -15.06 -11.51
N ALA A 14 -2.99 -15.32 -11.85
CA ALA A 14 -3.32 -16.32 -12.85
C ALA A 14 -3.96 -15.63 -14.04
N GLY A 15 -5.26 -15.35 -13.93
CA GLY A 15 -5.98 -14.68 -15.01
C GLY A 15 -5.64 -13.21 -15.10
N ALA A 16 -4.44 -12.92 -15.60
CA ALA A 16 -3.96 -11.55 -15.74
C ALA A 16 -4.87 -10.73 -16.65
N THR A 17 -5.89 -10.13 -16.06
CA THR A 17 -6.84 -9.31 -16.80
C THR A 17 -7.01 -7.97 -16.09
N VAL A 18 -7.09 -6.90 -16.90
CA VAL A 18 -7.24 -5.55 -16.37
C VAL A 18 -8.36 -5.40 -15.34
N GLN A 19 -9.55 -5.88 -15.67
CA GLN A 19 -10.68 -5.75 -14.75
C GLN A 19 -10.51 -6.49 -13.43
N SER A 20 -9.82 -7.63 -13.45
CA SER A 20 -9.60 -8.39 -12.22
C SER A 20 -8.77 -7.55 -11.25
N TYR A 21 -7.78 -6.85 -11.79
CA TYR A 21 -6.93 -5.99 -10.99
C TYR A 21 -7.72 -4.77 -10.50
N THR A 22 -8.52 -4.19 -11.40
CA THR A 22 -9.33 -3.03 -11.05
C THR A 22 -10.26 -3.38 -9.89
N ASN A 23 -10.91 -4.53 -9.99
CA ASN A 23 -11.83 -5.00 -8.94
C ASN A 23 -11.07 -5.21 -7.64
N PHE A 24 -9.86 -5.75 -7.76
CA PHE A 24 -8.99 -6.02 -6.61
C PHE A 24 -8.73 -4.72 -5.84
N ILE A 25 -8.15 -3.73 -6.50
CA ILE A 25 -7.84 -2.45 -5.89
C ILE A 25 -9.10 -1.76 -5.35
N ARG A 26 -10.17 -1.78 -6.15
CA ARG A 26 -11.43 -1.16 -5.75
C ARG A 26 -11.92 -1.74 -4.43
N ALA A 27 -11.86 -3.06 -4.32
CA ALA A 27 -12.29 -3.76 -3.11
C ALA A 27 -11.44 -3.33 -1.93
N VAL A 28 -10.12 -3.27 -2.12
CA VAL A 28 -9.20 -2.87 -1.07
C VAL A 28 -9.56 -1.48 -0.54
N ARG A 29 -9.77 -0.54 -1.46
CA ARG A 29 -10.12 0.83 -1.11
C ARG A 29 -11.37 0.89 -0.24
N GLY A 30 -12.47 0.32 -0.73
CA GLY A 30 -13.71 0.31 0.02
C GLY A 30 -13.60 -0.47 1.32
N ARG A 31 -12.64 -1.38 1.38
CA ARG A 31 -12.42 -2.20 2.56
C ARG A 31 -11.71 -1.39 3.65
N LEU A 32 -10.85 -0.47 3.22
CA LEU A 32 -10.10 0.37 4.15
C LEU A 32 -10.96 1.47 4.78
N THR A 33 -11.58 2.29 3.95
CA THR A 33 -12.42 3.37 4.45
C THR A 33 -13.91 3.14 4.23
N THR A 34 -14.70 3.44 5.26
CA THR A 34 -16.15 3.28 5.21
C THR A 34 -16.82 4.11 4.12
N GLY A 35 -16.16 5.19 3.71
CA GLY A 35 -16.71 6.04 2.67
C GLY A 35 -17.03 7.42 3.20
N ALA A 36 -17.26 7.51 4.51
CA ALA A 36 -17.56 8.79 5.14
C ALA A 36 -16.28 9.60 5.33
N ASP A 37 -16.43 10.84 5.77
CA ASP A 37 -15.31 11.75 6.00
C ASP A 37 -14.49 11.97 4.73
N VAL A 38 -14.90 12.95 3.95
CA VAL A 38 -14.22 13.30 2.70
C VAL A 38 -13.85 14.78 2.69
N ARG A 39 -12.56 15.06 2.70
CA ARG A 39 -12.11 16.45 2.68
C ARG A 39 -12.04 16.92 1.24
N HIS A 40 -13.01 17.73 0.85
CA HIS A 40 -13.07 18.28 -0.51
C HIS A 40 -13.22 17.13 -1.51
N GLU A 41 -14.26 16.33 -1.32
CA GLU A 41 -14.56 15.17 -2.17
C GLU A 41 -13.65 13.96 -1.99
N ILE A 42 -12.39 14.20 -1.66
CA ILE A 42 -11.44 13.10 -1.48
C ILE A 42 -11.62 12.42 -0.12
N PRO A 43 -11.78 11.08 -0.11
CA PRO A 43 -11.96 10.26 1.08
C PRO A 43 -10.77 10.26 2.04
N VAL A 44 -11.05 10.15 3.33
CA VAL A 44 -10.02 10.14 4.36
C VAL A 44 -10.04 8.85 5.17
N LEU A 45 -8.84 8.38 5.51
CA LEU A 45 -8.69 7.15 6.30
C LEU A 45 -8.95 7.41 7.78
N PRO A 46 -9.44 6.39 8.50
CA PRO A 46 -9.74 6.51 9.94
C PRO A 46 -8.56 6.91 10.81
N ASN A 47 -8.82 7.84 11.73
CA ASN A 47 -7.80 8.35 12.64
C ASN A 47 -7.40 7.26 13.62
N ARG A 48 -6.11 6.95 13.67
CA ARG A 48 -5.60 5.91 14.56
C ARG A 48 -5.79 6.23 16.04
N VAL A 49 -5.80 7.52 16.37
CA VAL A 49 -5.96 7.97 17.75
C VAL A 49 -7.12 7.29 18.47
N GLY A 50 -8.23 7.09 17.76
CA GLY A 50 -9.38 6.45 18.37
C GLY A 50 -9.83 5.20 17.64
N LEU A 51 -8.92 4.62 16.86
CA LEU A 51 -9.24 3.41 16.09
C LEU A 51 -8.91 2.16 16.90
N PRO A 52 -9.92 1.37 17.28
CA PRO A 52 -9.70 0.14 18.04
C PRO A 52 -8.92 -0.89 17.24
N ILE A 53 -8.21 -1.77 17.94
CA ILE A 53 -7.40 -2.80 17.31
C ILE A 53 -8.19 -3.67 16.35
N ASN A 54 -9.45 -3.93 16.69
CA ASN A 54 -10.34 -4.74 15.85
C ASN A 54 -10.72 -4.06 14.53
N GLN A 55 -10.26 -2.83 14.34
CA GLN A 55 -10.53 -2.07 13.12
C GLN A 55 -9.22 -1.49 12.58
N ARG A 56 -8.10 -2.01 13.08
CA ARG A 56 -6.78 -1.53 12.68
C ARG A 56 -6.15 -2.15 11.43
N PHE A 57 -6.48 -3.39 11.12
CA PHE A 57 -5.87 -4.05 9.95
C PHE A 57 -6.82 -4.70 8.96
N ILE A 58 -6.28 -4.96 7.77
CA ILE A 58 -7.01 -5.59 6.67
C ILE A 58 -6.05 -6.64 6.07
N LEU A 59 -6.57 -7.75 5.57
CA LEU A 59 -5.72 -8.79 4.99
C LEU A 59 -5.96 -8.96 3.50
N VAL A 60 -4.89 -9.26 2.76
CA VAL A 60 -4.99 -9.46 1.33
C VAL A 60 -4.34 -10.80 0.97
N GLU A 61 -5.15 -11.74 0.51
CA GLU A 61 -4.71 -13.08 0.13
C GLU A 61 -4.22 -13.07 -1.32
N LEU A 62 -2.94 -13.41 -1.51
CA LEU A 62 -2.35 -13.47 -2.83
C LEU A 62 -2.05 -14.89 -3.27
N SER A 63 -2.81 -15.37 -4.25
CA SER A 63 -2.63 -16.70 -4.79
C SER A 63 -1.70 -16.63 -5.99
N ASN A 64 -0.70 -17.50 -6.03
CA ASN A 64 0.26 -17.53 -7.12
C ASN A 64 -0.15 -18.55 -8.18
N HIS A 65 0.33 -18.37 -9.40
CA HIS A 65 0.03 -19.25 -10.51
C HIS A 65 0.37 -20.71 -10.22
N ALA A 66 1.29 -20.92 -9.27
CA ALA A 66 1.71 -22.27 -8.90
C ALA A 66 1.03 -22.71 -7.60
N GLU A 67 -0.16 -22.18 -7.35
CA GLU A 67 -0.96 -22.48 -6.17
C GLU A 67 -0.24 -22.21 -4.85
N LEU A 68 0.24 -20.98 -4.69
CA LEU A 68 0.92 -20.57 -3.47
C LEU A 68 0.00 -19.51 -2.85
N SER A 69 0.01 -19.40 -1.52
CA SER A 69 -0.85 -18.42 -0.86
C SER A 69 -0.13 -17.67 0.24
N VAL A 70 -0.13 -16.35 0.13
CA VAL A 70 0.51 -15.46 1.10
C VAL A 70 -0.53 -14.43 1.51
N THR A 71 -0.53 -14.03 2.78
CA THR A 71 -1.49 -13.05 3.25
C THR A 71 -0.80 -11.86 3.88
N LEU A 72 -0.91 -10.69 3.23
CA LEU A 72 -0.29 -9.48 3.75
C LEU A 72 -1.22 -8.76 4.72
N ALA A 73 -0.62 -8.13 5.72
CA ALA A 73 -1.38 -7.39 6.72
C ALA A 73 -1.24 -5.89 6.45
N LEU A 74 -2.33 -5.29 5.99
CA LEU A 74 -2.36 -3.87 5.67
C LEU A 74 -2.95 -3.07 6.82
N ASP A 75 -2.34 -1.92 7.12
CA ASP A 75 -2.80 -1.05 8.18
C ASP A 75 -3.86 -0.12 7.60
N VAL A 76 -5.05 -0.14 8.18
CA VAL A 76 -6.16 0.68 7.71
C VAL A 76 -5.86 2.18 7.76
N THR A 77 -5.12 2.61 8.77
CA THR A 77 -4.78 4.02 8.95
C THR A 77 -3.98 4.67 7.83
N ASN A 78 -3.29 3.88 7.02
CA ASN A 78 -2.48 4.43 5.93
C ASN A 78 -2.02 3.40 4.91
N ALA A 79 -2.75 2.28 4.83
CA ALA A 79 -2.41 1.20 3.89
C ALA A 79 -0.94 0.80 4.03
N TYR A 80 -0.48 0.69 5.27
CA TYR A 80 0.90 0.32 5.54
C TYR A 80 1.03 -1.20 5.64
N VAL A 81 1.97 -1.76 4.89
CA VAL A 81 2.20 -3.21 4.94
C VAL A 81 3.07 -3.49 6.16
N VAL A 82 2.48 -4.10 7.18
CA VAL A 82 3.20 -4.40 8.41
C VAL A 82 3.85 -5.78 8.43
N GLY A 83 3.30 -6.71 7.66
CA GLY A 83 3.86 -8.07 7.62
C GLY A 83 3.07 -9.00 6.73
N TYR A 84 3.37 -10.29 6.83
CA TYR A 84 2.68 -11.30 6.02
C TYR A 84 2.73 -12.68 6.67
N ARG A 85 1.87 -13.57 6.17
CA ARG A 85 1.78 -14.94 6.66
C ARG A 85 2.03 -15.92 5.53
N ALA A 86 3.18 -16.59 5.58
CA ALA A 86 3.54 -17.58 4.57
C ALA A 86 3.18 -18.96 5.11
N GLY A 87 1.92 -19.34 4.90
CA GLY A 87 1.45 -20.63 5.38
C GLY A 87 1.18 -20.58 6.87
N ASN A 88 2.04 -21.22 7.65
CA ASN A 88 1.87 -21.23 9.10
C ASN A 88 2.98 -20.43 9.79
N SER A 89 3.72 -19.67 8.99
CA SER A 89 4.81 -18.84 9.47
C SER A 89 4.48 -17.38 9.19
N ALA A 90 4.68 -16.52 10.18
CA ALA A 90 4.40 -15.09 10.04
C ALA A 90 5.65 -14.25 10.22
N TYR A 91 5.76 -13.18 9.44
CA TYR A 91 6.89 -12.27 9.50
C TYR A 91 6.36 -10.85 9.59
N PHE A 92 6.89 -10.06 10.51
CA PHE A 92 6.47 -8.68 10.68
C PHE A 92 7.68 -7.76 10.71
N PHE A 93 7.50 -6.53 10.23
CA PHE A 93 8.59 -5.56 10.21
C PHE A 93 8.80 -4.97 11.61
N HIS A 94 10.01 -4.48 11.86
CA HIS A 94 10.34 -3.88 13.15
C HIS A 94 9.51 -2.61 13.34
N PRO A 95 8.59 -2.62 14.34
CA PRO A 95 7.74 -1.46 14.62
C PRO A 95 8.51 -0.20 15.00
N ASP A 96 7.88 0.95 14.79
CA ASP A 96 8.49 2.24 15.09
C ASP A 96 8.24 2.71 16.52
N ASN A 97 7.21 2.18 17.16
CA ASN A 97 6.87 2.58 18.53
C ASN A 97 6.08 1.52 19.30
N GLN A 98 5.96 1.74 20.60
CA GLN A 98 5.26 0.83 21.51
C GLN A 98 3.87 0.44 21.03
N GLU A 99 2.99 1.44 20.86
CA GLU A 99 1.61 1.20 20.42
C GLU A 99 1.53 0.31 19.18
N ASP A 100 2.38 0.58 18.19
CA ASP A 100 2.39 -0.22 16.98
C ASP A 100 2.76 -1.68 17.25
N ALA A 101 3.78 -1.89 18.06
CA ALA A 101 4.21 -3.25 18.42
C ALA A 101 3.08 -3.97 19.14
N GLU A 102 2.39 -3.25 20.02
CA GLU A 102 1.27 -3.78 20.78
C GLU A 102 0.12 -4.12 19.84
N ALA A 103 -0.07 -3.29 18.82
CA ALA A 103 -1.13 -3.49 17.83
C ALA A 103 -0.79 -4.70 16.95
N ILE A 104 0.50 -4.84 16.63
CA ILE A 104 1.00 -5.94 15.81
C ILE A 104 0.73 -7.29 16.46
N THR A 105 0.66 -7.32 17.79
CA THR A 105 0.42 -8.55 18.54
C THR A 105 -1.03 -9.04 18.41
N HIS A 106 -1.53 -9.07 17.19
CA HIS A 106 -2.89 -9.50 16.91
C HIS A 106 -2.99 -10.17 15.54
N LEU A 107 -2.07 -9.82 14.65
CA LEU A 107 -2.05 -10.37 13.30
C LEU A 107 -1.57 -11.81 13.26
N PHE A 108 -2.31 -12.63 12.52
CA PHE A 108 -1.99 -14.05 12.33
C PHE A 108 -1.62 -14.79 13.62
N THR A 109 -2.34 -14.49 14.71
CA THR A 109 -2.08 -15.11 16.00
C THR A 109 -2.05 -16.64 16.02
N ASP A 110 -2.72 -17.27 15.05
CA ASP A 110 -2.75 -18.73 14.98
C ASP A 110 -1.54 -19.37 14.30
N VAL A 111 -0.54 -18.57 13.98
CA VAL A 111 0.66 -19.09 13.33
C VAL A 111 1.49 -19.97 14.26
N GLN A 112 2.06 -21.03 13.70
CA GLN A 112 2.89 -21.95 14.44
C GLN A 112 4.23 -21.27 14.68
N ASN A 113 4.63 -20.44 13.72
CA ASN A 113 5.90 -19.71 13.80
C ASN A 113 5.64 -18.23 13.56
N ARG A 114 6.18 -17.39 14.42
CA ARG A 114 6.01 -15.94 14.30
C ARG A 114 7.37 -15.28 14.43
N TYR A 115 7.68 -14.35 13.54
CA TYR A 115 8.97 -13.67 13.55
C TYR A 115 8.82 -12.18 13.31
N THR A 116 9.86 -11.42 13.66
CA THR A 116 9.88 -9.97 13.49
C THR A 116 11.27 -9.56 13.00
N PHE A 117 11.30 -8.82 11.90
CA PHE A 117 12.54 -8.35 11.31
C PHE A 117 13.21 -7.29 12.16
N ALA A 118 14.53 -7.18 12.03
CA ALA A 118 15.30 -6.19 12.78
C ALA A 118 15.20 -4.84 12.05
N PHE A 119 14.87 -4.90 10.77
CA PHE A 119 14.75 -3.72 9.93
C PHE A 119 13.28 -3.33 9.75
N GLY A 120 13.05 -2.20 9.09
CA GLY A 120 11.70 -1.75 8.84
C GLY A 120 11.41 -1.82 7.35
N GLY A 121 10.16 -2.09 7.00
CA GLY A 121 9.78 -2.20 5.59
C GLY A 121 9.73 -0.88 4.84
N ASN A 122 9.91 0.22 5.55
CA ASN A 122 9.89 1.55 4.94
C ASN A 122 10.92 1.68 3.81
N TYR A 123 10.47 2.15 2.65
CA TYR A 123 11.30 2.32 1.46
C TYR A 123 12.78 2.60 1.70
N ASP A 124 13.07 3.67 2.44
CA ASP A 124 14.44 4.05 2.74
C ASP A 124 15.32 2.89 3.21
N ARG A 125 14.80 2.09 4.14
CA ARG A 125 15.54 0.95 4.66
C ARG A 125 15.43 -0.26 3.74
N LEU A 126 14.21 -0.56 3.30
CA LEU A 126 13.96 -1.70 2.43
C LEU A 126 14.83 -1.68 1.17
N GLU A 127 15.04 -0.49 0.61
CA GLU A 127 15.87 -0.34 -0.58
C GLU A 127 17.32 -0.73 -0.28
N GLN A 128 17.78 -0.39 0.92
CA GLN A 128 19.15 -0.71 1.35
C GLN A 128 19.40 -2.20 1.25
N LEU A 129 18.45 -2.99 1.74
CA LEU A 129 18.55 -4.45 1.70
C LEU A 129 18.48 -4.97 0.27
N ALA A 130 17.52 -4.47 -0.49
CA ALA A 130 17.34 -4.87 -1.88
C ALA A 130 18.54 -4.50 -2.75
N GLY A 131 19.34 -3.55 -2.28
CA GLY A 131 20.50 -3.14 -3.04
C GLY A 131 20.15 -2.49 -4.36
N ASN A 132 18.90 -2.05 -4.47
CA ASN A 132 18.39 -1.40 -5.68
C ASN A 132 17.27 -0.44 -5.31
N LEU A 133 17.19 0.67 -6.01
CA LEU A 133 16.15 1.66 -5.77
C LEU A 133 14.87 1.21 -6.49
N ARG A 134 13.75 1.83 -6.15
CA ARG A 134 12.46 1.50 -6.77
C ARG A 134 12.53 1.65 -8.28
N GLU A 135 13.29 2.64 -8.73
CA GLU A 135 13.47 2.92 -10.15
C GLU A 135 14.27 1.83 -10.86
N ASN A 136 14.72 0.83 -10.09
CA ASN A 136 15.49 -0.27 -10.63
C ASN A 136 14.77 -1.58 -10.34
N ILE A 137 13.60 -1.47 -9.72
CA ILE A 137 12.77 -2.63 -9.38
C ILE A 137 11.53 -2.60 -10.25
N GLU A 138 11.42 -3.55 -11.17
CA GLU A 138 10.28 -3.64 -12.08
C GLU A 138 8.98 -4.03 -11.38
N LEU A 139 7.88 -3.51 -11.89
CA LEU A 139 6.55 -3.78 -11.35
C LEU A 139 5.71 -4.41 -12.45
N GLY A 140 4.59 -5.00 -12.08
CA GLY A 140 3.70 -5.62 -13.06
C GLY A 140 3.33 -7.02 -12.60
N ASN A 141 2.45 -7.67 -13.35
CA ASN A 141 1.99 -9.03 -13.00
C ASN A 141 3.15 -10.02 -12.94
N GLY A 142 4.11 -9.86 -13.83
CA GLY A 142 5.27 -10.74 -13.84
C GLY A 142 6.03 -10.65 -12.53
N PRO A 143 6.62 -9.48 -12.23
CA PRO A 143 7.38 -9.28 -10.99
C PRO A 143 6.55 -9.62 -9.74
N LEU A 144 5.25 -9.35 -9.80
CA LEU A 144 4.36 -9.64 -8.67
C LEU A 144 4.35 -11.14 -8.37
N GLU A 145 4.18 -11.96 -9.41
CA GLU A 145 4.15 -13.41 -9.25
C GLU A 145 5.44 -13.89 -8.56
N GLU A 146 6.57 -13.34 -8.98
CA GLU A 146 7.87 -13.69 -8.43
C GLU A 146 7.90 -13.27 -6.96
N ALA A 147 7.47 -12.04 -6.68
CA ALA A 147 7.44 -11.50 -5.33
C ALA A 147 6.69 -12.42 -4.37
N ILE A 148 5.43 -12.69 -4.70
CA ILE A 148 4.58 -13.55 -3.88
C ILE A 148 5.28 -14.87 -3.59
N SER A 149 5.90 -15.45 -4.62
CA SER A 149 6.62 -16.71 -4.48
C SER A 149 7.74 -16.58 -3.46
N ALA A 150 8.54 -15.52 -3.60
CA ALA A 150 9.67 -15.28 -2.70
C ALA A 150 9.24 -15.24 -1.23
N LEU A 151 8.16 -14.51 -0.96
CA LEU A 151 7.63 -14.40 0.39
C LEU A 151 7.30 -15.78 0.94
N TYR A 152 6.66 -16.59 0.11
CA TYR A 152 6.25 -17.94 0.46
C TYR A 152 7.46 -18.83 0.79
N TYR A 153 8.54 -18.67 0.03
CA TYR A 153 9.74 -19.47 0.22
C TYR A 153 10.73 -19.01 1.28
N TYR A 154 10.41 -17.92 1.97
CA TYR A 154 11.29 -17.42 3.01
C TYR A 154 11.47 -18.48 4.10
N SER A 155 10.35 -19.00 4.60
CA SER A 155 10.37 -20.01 5.65
C SER A 155 11.14 -21.29 5.37
N THR A 156 11.24 -21.68 4.10
CA THR A 156 11.95 -22.91 3.74
C THR A 156 13.47 -22.78 3.89
N GLY A 157 14.02 -21.67 3.41
CA GLY A 157 15.45 -21.46 3.49
C GLY A 157 15.97 -20.61 2.35
N GLY A 158 15.55 -20.91 1.13
CA GLY A 158 15.98 -20.16 -0.03
C GLY A 158 15.32 -18.79 0.01
N THR A 159 15.88 -17.91 0.82
CA THR A 159 15.33 -16.57 0.99
C THR A 159 16.10 -15.45 0.31
N GLN A 160 17.29 -15.17 0.82
CA GLN A 160 18.13 -14.09 0.32
C GLN A 160 17.44 -12.75 0.61
N LEU A 161 17.81 -12.13 1.71
CA LEU A 161 17.23 -10.84 2.12
C LEU A 161 17.08 -9.79 1.03
N PRO A 162 18.14 -9.60 0.19
CA PRO A 162 18.02 -8.60 -0.87
C PRO A 162 16.79 -8.85 -1.74
N THR A 163 16.62 -10.11 -2.15
CA THR A 163 15.49 -10.51 -2.97
C THR A 163 14.19 -10.32 -2.19
N LEU A 164 14.21 -10.70 -0.92
CA LEU A 164 13.06 -10.58 -0.04
C LEU A 164 12.57 -9.13 0.05
N ALA A 165 13.50 -8.21 0.32
CA ALA A 165 13.17 -6.79 0.42
C ALA A 165 12.56 -6.28 -0.88
N ARG A 166 13.18 -6.66 -1.99
CA ARG A 166 12.72 -6.26 -3.32
C ARG A 166 11.28 -6.75 -3.53
N SER A 167 11.02 -8.00 -3.12
CA SER A 167 9.71 -8.60 -3.24
C SER A 167 8.67 -7.75 -2.52
N PHE A 168 9.01 -7.28 -1.33
CA PHE A 168 8.13 -6.44 -0.54
C PHE A 168 7.83 -5.13 -1.24
N ILE A 169 8.88 -4.45 -1.73
CA ILE A 169 8.72 -3.18 -2.43
C ILE A 169 7.71 -3.32 -3.57
N ILE A 170 7.76 -4.43 -4.27
CA ILE A 170 6.85 -4.71 -5.38
C ILE A 170 5.41 -4.79 -4.86
N CYS A 171 5.19 -5.69 -3.91
CA CYS A 171 3.86 -5.88 -3.32
C CYS A 171 3.29 -4.58 -2.76
N ILE A 172 4.14 -3.80 -2.10
CA ILE A 172 3.74 -2.53 -1.50
C ILE A 172 3.18 -1.57 -2.54
N GLN A 173 3.94 -1.32 -3.60
CA GLN A 173 3.53 -0.41 -4.65
C GLN A 173 2.31 -0.90 -5.44
N MET A 174 2.34 -2.16 -5.85
CA MET A 174 1.26 -2.74 -6.62
C MET A 174 -0.05 -2.91 -5.87
N ILE A 175 0.02 -2.99 -4.54
CA ILE A 175 -1.19 -3.15 -3.74
C ILE A 175 -1.54 -1.87 -2.98
N SER A 176 -0.65 -1.46 -2.09
CA SER A 176 -0.86 -0.27 -1.27
C SER A 176 -0.81 1.03 -2.05
N GLU A 177 0.32 1.33 -2.67
CA GLU A 177 0.47 2.57 -3.45
C GLU A 177 -0.58 2.69 -4.54
N ALA A 178 -0.92 1.57 -5.17
CA ALA A 178 -1.92 1.54 -6.23
C ALA A 178 -3.28 1.97 -5.71
N ALA A 179 -3.55 1.67 -4.44
CA ALA A 179 -4.83 2.04 -3.83
C ALA A 179 -4.80 3.52 -3.44
N ARG A 180 -3.63 3.98 -3.00
CA ARG A 180 -3.45 5.37 -2.59
C ARG A 180 -3.69 6.34 -3.74
N PHE A 181 -3.18 5.99 -4.91
CA PHE A 181 -3.31 6.82 -6.10
C PHE A 181 -3.93 6.06 -7.26
N GLN A 182 -5.07 6.57 -7.74
CA GLN A 182 -5.76 5.97 -8.88
C GLN A 182 -4.79 5.94 -10.06
N TYR A 183 -3.93 6.95 -10.12
CA TYR A 183 -2.92 7.06 -11.17
C TYR A 183 -2.04 5.82 -11.21
N ILE A 184 -1.49 5.45 -10.06
CA ILE A 184 -0.62 4.28 -9.97
C ILE A 184 -1.38 3.01 -10.34
N GLU A 185 -2.66 2.94 -9.93
CA GLU A 185 -3.50 1.80 -10.25
C GLU A 185 -3.54 1.66 -11.77
N GLY A 186 -3.75 2.78 -12.45
CA GLY A 186 -3.81 2.80 -13.90
C GLY A 186 -2.52 2.29 -14.52
N GLU A 187 -1.39 2.72 -13.99
CA GLU A 187 -0.08 2.30 -14.47
C GLU A 187 0.06 0.78 -14.46
N MET A 188 -0.36 0.16 -13.37
CA MET A 188 -0.29 -1.29 -13.24
C MET A 188 -1.22 -1.95 -14.25
N ARG A 189 -2.40 -1.36 -14.44
CA ARG A 189 -3.39 -1.88 -15.38
C ARG A 189 -2.85 -1.85 -16.80
N THR A 190 -2.18 -0.76 -17.16
CA THR A 190 -1.60 -0.61 -18.50
C THR A 190 -0.58 -1.74 -18.71
N ARG A 191 0.24 -1.98 -17.70
CA ARG A 191 1.26 -3.02 -17.75
C ARG A 191 0.61 -4.39 -17.96
N ILE A 192 -0.29 -4.76 -17.06
CA ILE A 192 -0.97 -6.05 -17.11
C ILE A 192 -1.59 -6.38 -18.48
N ARG A 193 -2.28 -5.41 -19.07
CA ARG A 193 -2.92 -5.64 -20.36
C ARG A 193 -1.96 -6.06 -21.46
N TYR A 194 -0.89 -5.30 -21.64
CA TYR A 194 0.10 -5.61 -22.68
C TYR A 194 1.18 -6.56 -22.16
N ASN A 195 0.94 -7.20 -21.03
CA ASN A 195 1.90 -8.13 -20.42
C ASN A 195 3.25 -7.43 -20.28
N ARG A 196 3.19 -6.13 -19.98
CA ARG A 196 4.36 -5.30 -19.83
C ARG A 196 4.82 -5.31 -18.37
N ARG A 197 6.13 -5.36 -18.18
CA ARG A 197 6.73 -5.33 -16.84
C ARG A 197 7.83 -4.28 -16.91
N SER A 198 7.66 -3.21 -16.15
CA SER A 198 8.63 -2.12 -16.17
C SER A 198 8.76 -1.40 -14.82
N ALA A 199 9.83 -0.63 -14.68
CA ALA A 199 10.09 0.12 -13.45
C ALA A 199 9.25 1.39 -13.43
N PRO A 200 8.83 1.83 -12.22
CA PRO A 200 8.02 3.04 -12.05
C PRO A 200 8.75 4.32 -12.45
N ASP A 201 8.18 5.04 -13.41
CA ASP A 201 8.75 6.30 -13.88
C ASP A 201 8.61 7.42 -12.84
N PRO A 202 9.39 8.50 -12.97
CA PRO A 202 9.39 9.66 -12.07
C PRO A 202 8.03 10.09 -11.51
N SER A 203 7.03 10.20 -12.37
CA SER A 203 5.69 10.60 -11.94
C SER A 203 5.15 9.71 -10.81
N VAL A 204 5.30 8.41 -10.98
CA VAL A 204 4.84 7.44 -9.98
C VAL A 204 5.63 7.57 -8.69
N ILE A 205 6.96 7.62 -8.81
CA ILE A 205 7.86 7.75 -7.67
C ILE A 205 7.49 8.94 -6.80
N THR A 206 7.47 10.14 -7.41
CA THR A 206 7.15 11.37 -6.69
C THR A 206 5.84 11.27 -5.91
N LEU A 207 4.78 10.81 -6.55
CA LEU A 207 3.48 10.67 -5.90
C LEU A 207 3.60 9.88 -4.60
N GLU A 208 4.39 8.81 -4.63
CA GLU A 208 4.61 7.97 -3.46
C GLU A 208 5.32 8.79 -2.37
N ASN A 209 6.31 9.57 -2.80
CA ASN A 209 7.08 10.41 -1.89
C ASN A 209 6.29 11.63 -1.41
N SER A 210 5.13 11.86 -2.01
CA SER A 210 4.32 13.01 -1.65
C SER A 210 2.91 12.70 -1.12
N TRP A 211 2.60 11.42 -0.89
CA TRP A 211 1.28 11.04 -0.39
C TRP A 211 0.86 11.81 0.87
N GLY A 212 1.67 11.72 1.92
CA GLY A 212 1.37 12.42 3.16
C GLY A 212 1.31 13.93 2.99
N ARG A 213 2.22 14.46 2.19
CA ARG A 213 2.29 15.90 1.93
C ARG A 213 0.98 16.37 1.29
N LEU A 214 0.57 15.68 0.24
CA LEU A 214 -0.67 16.02 -0.47
C LEU A 214 -1.85 15.90 0.49
N SER A 215 -1.89 14.82 1.26
CA SER A 215 -2.96 14.60 2.23
C SER A 215 -3.09 15.80 3.17
N THR A 216 -1.95 16.32 3.61
CA THR A 216 -1.92 17.47 4.51
C THR A 216 -2.44 18.72 3.81
N ALA A 217 -1.88 19.02 2.63
CA ALA A 217 -2.29 20.18 1.85
C ALA A 217 -3.76 20.18 1.48
N ILE A 218 -4.23 19.06 0.92
CA ILE A 218 -5.63 18.93 0.51
C ILE A 218 -6.58 19.18 1.68
N GLN A 219 -6.19 18.76 2.87
CA GLN A 219 -7.03 18.94 4.05
C GLN A 219 -7.00 20.37 4.59
N GLU A 220 -5.82 20.99 4.57
CA GLU A 220 -5.67 22.36 5.06
C GLU A 220 -5.92 23.42 3.99
N SER A 221 -6.28 23.00 2.78
CA SER A 221 -6.54 23.94 1.70
C SER A 221 -7.92 24.55 1.82
N ASN A 222 -7.97 25.86 2.02
CA ASN A 222 -9.25 26.56 2.13
C ASN A 222 -9.88 26.52 0.74
N GLN A 223 -11.18 26.23 0.69
CA GLN A 223 -11.93 26.15 -0.57
C GLN A 223 -11.21 25.43 -1.72
N GLY A 224 -10.33 24.50 -1.38
CA GLY A 224 -9.59 23.76 -2.39
C GLY A 224 -8.28 24.39 -2.84
N ALA A 225 -8.14 25.70 -2.61
CA ALA A 225 -6.94 26.42 -3.01
C ALA A 225 -5.74 26.08 -2.12
N PHE A 226 -4.69 25.55 -2.75
CA PHE A 226 -3.47 25.18 -2.03
C PHE A 226 -2.71 26.41 -1.57
N ALA A 227 -2.40 26.45 -0.27
CA ALA A 227 -1.67 27.56 0.33
C ALA A 227 -0.33 27.82 -0.36
N SER A 228 0.33 26.75 -0.77
CA SER A 228 1.62 26.85 -1.44
C SER A 228 1.72 25.80 -2.54
N PRO A 229 2.30 26.16 -3.70
CA PRO A 229 2.47 25.26 -4.84
C PRO A 229 3.30 24.03 -4.50
N ILE A 230 2.72 22.85 -4.71
CA ILE A 230 3.44 21.60 -4.46
C ILE A 230 3.99 21.07 -5.78
N GLN A 231 5.31 21.16 -5.95
CA GLN A 231 5.96 20.69 -7.16
C GLN A 231 6.02 19.17 -7.25
N LEU A 232 5.23 18.61 -8.17
CA LEU A 232 5.23 17.18 -8.40
C LEU A 232 6.17 16.94 -9.58
N GLN A 233 6.36 15.68 -9.96
CA GLN A 233 7.27 15.37 -11.06
C GLN A 233 6.56 14.67 -12.21
N ARG A 234 6.85 15.14 -13.43
CA ARG A 234 6.26 14.59 -14.64
C ARG A 234 7.02 13.31 -15.05
N ARG A 235 6.39 12.51 -15.91
CA ARG A 235 6.96 11.26 -16.39
C ARG A 235 8.42 11.34 -16.84
N ASN A 236 8.81 12.45 -17.44
CA ASN A 236 10.18 12.62 -17.93
C ASN A 236 11.13 13.25 -16.91
N GLY A 237 10.67 13.39 -15.67
CA GLY A 237 11.50 13.96 -14.63
C GLY A 237 11.31 15.45 -14.39
N SER A 238 10.82 16.16 -15.40
CA SER A 238 10.58 17.60 -15.29
C SER A 238 9.51 17.87 -14.25
N LYS A 239 9.79 18.78 -13.32
CA LYS A 239 8.84 19.13 -12.26
C LYS A 239 7.78 20.12 -12.71
N PHE A 240 6.55 19.92 -12.21
CA PHE A 240 5.43 20.80 -12.51
C PHE A 240 4.72 21.08 -11.20
N SER A 241 4.21 22.29 -11.04
CA SER A 241 3.53 22.67 -9.80
C SER A 241 2.02 22.51 -9.81
N VAL A 242 1.50 21.91 -8.74
CA VAL A 242 0.07 21.71 -8.56
C VAL A 242 -0.41 22.89 -7.73
N TYR A 243 -1.59 23.40 -8.03
CA TYR A 243 -2.13 24.54 -7.31
C TYR A 243 -3.50 24.33 -6.68
N ASP A 244 -4.18 23.24 -7.03
CA ASP A 244 -5.50 23.00 -6.47
C ASP A 244 -5.89 21.53 -6.40
N VAL A 245 -6.87 21.24 -5.56
CA VAL A 245 -7.39 19.88 -5.37
C VAL A 245 -7.91 19.28 -6.67
N SER A 246 -8.55 20.13 -7.48
CA SER A 246 -9.14 19.72 -8.76
C SER A 246 -8.24 18.80 -9.59
N ILE A 247 -6.97 19.17 -9.72
CA ILE A 247 -6.01 18.39 -10.48
C ILE A 247 -5.82 17.00 -9.89
N LEU A 248 -5.79 16.94 -8.56
CA LEU A 248 -5.58 15.68 -7.86
C LEU A 248 -6.80 14.75 -7.78
N ILE A 249 -7.96 15.24 -8.17
CA ILE A 249 -9.18 14.43 -8.13
C ILE A 249 -9.02 13.06 -8.80
N PRO A 250 -8.61 13.02 -10.07
CA PRO A 250 -8.45 11.71 -10.73
C PRO A 250 -7.13 11.02 -10.34
N ILE A 251 -6.30 11.71 -9.58
CA ILE A 251 -5.00 11.18 -9.17
C ILE A 251 -5.03 10.47 -7.82
N ILE A 252 -5.19 11.23 -6.74
CA ILE A 252 -5.22 10.67 -5.40
C ILE A 252 -6.59 10.07 -5.12
N ALA A 253 -6.62 9.00 -4.34
CA ALA A 253 -7.86 8.32 -4.00
C ALA A 253 -8.14 8.32 -2.51
N LEU A 254 -7.09 8.09 -1.73
CA LEU A 254 -7.21 8.06 -0.27
C LEU A 254 -6.19 8.99 0.39
N MET A 255 -6.60 9.60 1.50
CA MET A 255 -5.73 10.52 2.25
C MET A 255 -5.65 10.09 3.71
N VAL A 256 -4.48 10.26 4.32
CA VAL A 256 -4.29 9.92 5.73
C VAL A 256 -4.83 11.05 6.59
N TYR A 257 -5.47 10.71 7.70
CA TYR A 257 -6.03 11.70 8.61
C TYR A 257 -4.94 12.63 9.12
N ARG A 258 -5.11 13.92 8.86
CA ARG A 258 -4.14 14.92 9.29
C ARG A 258 -4.67 15.72 10.48
N CYS A 259 -5.61 16.61 10.21
CA CYS A 259 -6.19 17.46 11.24
C CYS A 259 -7.65 17.10 11.45
N ALA A 260 -8.27 17.73 12.45
CA ALA A 260 -9.66 17.49 12.78
C ALA A 260 -10.54 17.94 11.61
N PRO A 261 -11.60 17.17 11.31
CA PRO A 261 -12.52 17.49 10.21
C PRO A 261 -13.16 18.88 10.38
N PRO A 262 -13.54 19.52 9.27
CA PRO A 262 -14.18 20.84 9.25
C PRO A 262 -15.59 20.68 9.84
N PRO A 263 -16.54 21.59 9.52
CA PRO A 263 -17.87 21.38 10.11
C PRO A 263 -18.66 20.22 9.48
N SER A 264 -18.05 19.04 9.42
CA SER A 264 -18.66 17.84 8.86
C SER A 264 -19.38 18.11 7.54
N SER A 265 -18.63 18.62 6.58
CA SER A 265 -19.16 18.96 5.26
C SER A 265 -19.65 17.76 4.43
N GLN A 266 -19.41 16.54 4.93
CA GLN A 266 -19.83 15.35 4.21
C GLN A 266 -21.26 14.95 4.61
N PHE A 267 -22.17 15.07 3.64
CA PHE A 267 -23.57 14.73 3.84
C PHE A 267 -24.25 14.56 2.48
N1 MOG B . 6.94 0.25 3.95
C2 MOG B . 6.09 -0.66 4.48
N3 MOG B . 4.77 -0.61 4.18
C4 MOG B . 4.32 0.36 3.35
C5 MOG B . 5.18 1.30 2.81
C6 MOG B . 6.54 1.24 3.12
O6 MOG B . 7.34 2.00 2.70
N7 MOG B . 4.39 2.07 2.06
C8 MOG B . 3.16 1.54 2.21
O9 MOG B . 3.06 0.48 3.01
C10 MOG B . 1.96 2.15 1.50
N2 MOG B . 6.47 -1.65 5.31
#